data_3OS3
#
_entry.id   3OS3
#
_cell.length_a   72.998
_cell.length_b   72.998
_cell.length_c   131.505
_cell.angle_alpha   90.00
_cell.angle_beta   90.00
_cell.angle_gamma   120.00
#
_symmetry.space_group_name_H-M   'P 32 2 1'
#
loop_
_entity.id
_entity.type
_entity.pdbx_description
1 polymer 'Dual specificity mitogen-activated protein kinase kinase 1'
2 non-polymer "ADENOSINE-5'-TRIPHOSPHATE"
3 non-polymer 2-[(4-ethynyl-2-fluorophenyl)amino]-3,4-difluoro-N-(2-hydroxyethoxy)-5-{[(2-hydroxyethoxy)imino]methyl}benzamide
4 non-polymer 'MAGNESIUM ION'
5 water water
#
_entity_poly.entity_id   1
_entity_poly.type   'polypeptide(L)'
_entity_poly.pdbx_seq_one_letter_code
;MELKDDDFEKISELGAGNGGVVFKVSHKPSGLVMARKLIHLEIKPAIRNQIIRELQVLHECNSPYIVGFYGAFYSDGEIS
ICMEHMDGGSLDQVLKKAGRIPEQILGKVSIAVIKGLTYLREKHKIMHRDVKPSNILVNSRGEIKLCDFGVSGQLIDSMA
NSFVGTRSYMSPERLQGTHYSVQSDIWSMGLSLVEMAVGRYPIPPPDAKEDSRPPMAIFELLDYIVNEPPPKLPSGVFSL
EFQDFVNKCLIKNPAERADLKQLMVHAFIKRSDAEEVDFAGWLCSTIGLNQPSTPTHAAGVHHHHHH
;
_entity_poly.pdbx_strand_id   A
#
loop_
_chem_comp.id
_chem_comp.type
_chem_comp.name
_chem_comp.formula
3OS non-polymer 2-[(4-ethynyl-2-fluorophenyl)amino]-3,4-difluoro-N-(2-hydroxyethoxy)-5-{[(2-hydroxyethoxy)imino]methyl}benzamide 'C20 H18 F3 N3 O5'
ATP non-polymer ADENOSINE-5'-TRIPHOSPHATE 'C10 H16 N5 O13 P3'
MG non-polymer 'MAGNESIUM ION' 'Mg 2'
#
# COMPACT_ATOMS: atom_id res chain seq x y z
N GLU A 2 10.40 -18.68 14.01
CA GLU A 2 10.34 -20.18 13.91
C GLU A 2 9.78 -20.59 12.55
N LEU A 3 10.25 -19.97 11.48
CA LEU A 3 9.76 -20.30 10.16
C LEU A 3 10.92 -20.62 9.24
N LYS A 4 11.07 -21.89 8.90
CA LYS A 4 12.18 -22.30 8.05
C LYS A 4 11.71 -22.54 6.62
N ASP A 5 12.61 -22.33 5.69
CA ASP A 5 12.32 -22.50 4.26
C ASP A 5 11.70 -23.86 3.86
N ASP A 6 12.05 -24.92 4.57
CA ASP A 6 11.53 -26.24 4.24
C ASP A 6 10.18 -26.62 4.85
N ASP A 7 9.64 -25.77 5.71
CA ASP A 7 8.35 -26.05 6.29
C ASP A 7 7.37 -25.29 5.42
N PHE A 8 7.75 -25.16 4.15
CA PHE A 8 6.95 -24.44 3.18
C PHE A 8 6.73 -25.19 1.88
N GLU A 9 5.48 -25.19 1.43
CA GLU A 9 5.06 -25.84 0.20
C GLU A 9 4.39 -24.81 -0.72
N LYS A 10 4.99 -24.60 -1.88
CA LYS A 10 4.47 -23.64 -2.86
C LYS A 10 3.20 -24.15 -3.52
N ILE A 11 2.17 -23.30 -3.58
CA ILE A 11 0.90 -23.64 -4.20
C ILE A 11 0.78 -22.93 -5.56
N SER A 12 0.76 -21.61 -5.57
CA SER A 12 0.65 -20.83 -6.80
C SER A 12 1.63 -19.65 -6.80
N GLU A 13 1.21 -18.52 -7.36
CA GLU A 13 2.04 -17.30 -7.36
C GLU A 13 1.19 -16.05 -7.38
N LEU A 14 0.79 -15.58 -6.20
CA LEU A 14 -0.03 -14.40 -6.11
C LEU A 14 0.42 -13.21 -6.97
N GLY A 15 1.73 -13.06 -7.19
CA GLY A 15 2.18 -11.94 -7.99
C GLY A 15 3.66 -11.60 -7.91
N ALA A 16 4.08 -10.55 -8.62
CA ALA A 16 5.48 -10.13 -8.66
C ALA A 16 5.65 -8.61 -8.68
N GLY A 17 6.87 -8.17 -9.00
CA GLY A 17 7.13 -6.74 -9.05
C GLY A 17 8.62 -6.48 -9.10
N ASN A 18 9.05 -5.34 -8.60
CA ASN A 18 10.47 -5.03 -8.60
C ASN A 18 11.21 -5.65 -7.43
N GLY A 19 11.97 -6.70 -7.71
CA GLY A 19 12.73 -7.35 -6.67
C GLY A 19 11.89 -8.33 -5.88
N GLY A 20 10.60 -8.06 -5.76
CA GLY A 20 9.75 -8.96 -5.02
C GLY A 20 8.97 -9.95 -5.89
N VAL A 21 8.32 -10.90 -5.22
CA VAL A 21 7.54 -11.92 -5.89
C VAL A 21 6.91 -12.83 -4.84
N VAL A 22 5.66 -12.59 -4.51
CA VAL A 22 4.96 -13.39 -3.50
C VAL A 22 4.28 -14.64 -4.05
N PHE A 23 4.20 -15.67 -3.21
CA PHE A 23 3.55 -16.94 -3.58
C PHE A 23 2.53 -17.32 -2.51
N LYS A 24 1.52 -18.10 -2.89
CA LYS A 24 0.59 -18.57 -1.87
C LYS A 24 1.28 -19.86 -1.44
N VAL A 25 1.51 -20.00 -0.16
CA VAL A 25 2.20 -21.19 0.30
C VAL A 25 1.57 -21.83 1.52
N SER A 26 1.94 -23.07 1.75
CA SER A 26 1.45 -23.82 2.89
C SER A 26 2.62 -24.05 3.83
N HIS A 27 2.42 -23.74 5.10
CA HIS A 27 3.44 -23.94 6.10
C HIS A 27 3.21 -25.38 6.54
N LYS A 28 3.74 -26.31 5.76
CA LYS A 28 3.57 -27.73 6.01
C LYS A 28 3.32 -28.18 7.43
N PRO A 29 4.15 -27.73 8.40
CA PRO A 29 3.99 -28.12 9.80
C PRO A 29 2.86 -27.52 10.64
N SER A 30 2.12 -26.55 10.13
CA SER A 30 1.03 -25.98 10.91
C SER A 30 -0.24 -26.08 10.10
N GLY A 31 -0.07 -26.33 8.81
CA GLY A 31 -1.18 -26.46 7.89
C GLY A 31 -1.73 -25.12 7.42
N LEU A 32 -1.18 -24.05 7.98
CA LEU A 32 -1.62 -22.69 7.68
C LEU A 32 -1.26 -22.21 6.27
N VAL A 33 -2.17 -21.46 5.65
CA VAL A 33 -1.95 -20.92 4.31
C VAL A 33 -1.52 -19.47 4.47
N MET A 34 -0.37 -19.13 3.90
CA MET A 34 0.12 -17.76 4.01
C MET A 34 0.84 -17.29 2.78
N ALA A 35 0.87 -15.97 2.60
CA ALA A 35 1.53 -15.39 1.45
C ALA A 35 3.00 -15.19 1.80
N ARG A 36 3.87 -15.73 0.97
CA ARG A 36 5.29 -15.62 1.21
C ARG A 36 6.00 -14.68 0.26
N LYS A 37 6.26 -13.47 0.70
CA LYS A 37 6.98 -12.53 -0.13
C LYS A 37 8.46 -12.92 -0.15
N LEU A 38 9.09 -12.77 -1.30
CA LEU A 38 10.50 -13.05 -1.45
C LEU A 38 11.15 -11.85 -2.10
N ILE A 39 11.83 -11.01 -1.32
CA ILE A 39 12.51 -9.88 -1.91
C ILE A 39 13.88 -10.45 -2.22
N HIS A 40 14.60 -9.91 -3.19
CA HIS A 40 15.91 -10.47 -3.48
C HIS A 40 17.04 -9.59 -2.97
N LEU A 41 17.27 -8.45 -3.63
CA LEU A 41 18.30 -7.51 -3.22
C LEU A 41 19.72 -8.07 -3.18
N GLU A 42 20.65 -7.34 -3.78
CA GLU A 42 22.05 -7.75 -3.80
C GLU A 42 22.74 -7.00 -2.65
N ILE A 43 22.70 -7.60 -1.46
CA ILE A 43 23.27 -7.03 -0.25
C ILE A 43 24.22 -7.99 0.44
N LYS A 44 25.09 -7.47 1.30
CA LYS A 44 26.02 -8.34 2.01
C LYS A 44 25.41 -8.88 3.30
N PRO A 45 26.05 -9.91 3.88
CA PRO A 45 25.60 -10.55 5.12
C PRO A 45 25.27 -9.60 6.26
N ALA A 46 26.17 -8.65 6.52
CA ALA A 46 25.93 -7.70 7.60
C ALA A 46 24.65 -6.93 7.36
N ILE A 47 24.65 -6.05 6.36
CA ILE A 47 23.46 -5.27 6.11
C ILE A 47 22.23 -6.17 6.07
N ARG A 48 22.34 -7.32 5.41
CA ARG A 48 21.22 -8.25 5.33
C ARG A 48 20.64 -8.64 6.70
N ASN A 49 21.51 -9.07 7.61
CA ASN A 49 21.08 -9.45 8.94
C ASN A 49 20.37 -8.30 9.65
N GLN A 50 20.80 -7.08 9.35
CA GLN A 50 20.18 -5.92 9.95
C GLN A 50 18.79 -5.73 9.35
N ILE A 51 18.62 -6.10 8.09
CA ILE A 51 17.31 -5.97 7.48
C ILE A 51 16.40 -7.02 8.10
N ILE A 52 16.89 -8.24 8.22
CA ILE A 52 16.11 -9.32 8.80
C ILE A 52 15.78 -9.05 10.27
N ARG A 53 16.56 -8.18 10.89
CA ARG A 53 16.36 -7.83 12.28
C ARG A 53 15.33 -6.73 12.47
N GLU A 54 15.47 -5.64 11.73
CA GLU A 54 14.52 -4.55 11.85
C GLU A 54 13.15 -4.99 11.38
N LEU A 55 13.10 -6.14 10.73
CA LEU A 55 11.86 -6.69 10.21
C LEU A 55 11.03 -7.39 11.28
N GLN A 56 11.62 -7.55 12.45
CA GLN A 56 10.92 -8.21 13.52
C GLN A 56 9.92 -7.28 14.15
N VAL A 57 10.09 -5.98 13.92
CA VAL A 57 9.15 -5.00 14.48
C VAL A 57 7.72 -5.35 14.06
N LEU A 58 7.59 -6.02 12.93
CA LEU A 58 6.30 -6.41 12.37
C LEU A 58 5.50 -7.36 13.25
N HIS A 59 6.09 -7.83 14.33
CA HIS A 59 5.38 -8.72 15.24
C HIS A 59 4.60 -7.85 16.23
N GLU A 60 4.94 -6.56 16.24
CA GLU A 60 4.29 -5.58 17.12
C GLU A 60 3.39 -4.68 16.29
N CYS A 61 3.32 -4.96 14.99
CA CYS A 61 2.47 -4.19 14.09
C CYS A 61 1.12 -4.87 13.98
N ASN A 62 0.33 -4.74 15.04
CA ASN A 62 -1.01 -5.35 15.11
C ASN A 62 -2.17 -4.38 15.03
N SER A 63 -2.97 -4.52 13.97
CA SER A 63 -4.14 -3.68 13.75
C SER A 63 -4.96 -4.23 12.60
N PRO A 64 -6.28 -4.02 12.63
CA PRO A 64 -7.24 -4.47 11.62
C PRO A 64 -6.92 -3.84 10.26
N TYR A 65 -6.09 -2.81 10.29
CA TYR A 65 -5.74 -2.10 9.10
C TYR A 65 -4.38 -2.43 8.48
N ILE A 66 -3.61 -3.25 9.19
CA ILE A 66 -2.30 -3.67 8.70
C ILE A 66 -2.34 -5.16 8.46
N VAL A 67 -1.77 -5.61 7.34
CA VAL A 67 -1.77 -7.04 7.03
C VAL A 67 -1.05 -7.81 8.12
N GLY A 68 -1.55 -9.00 8.42
CA GLY A 68 -0.92 -9.81 9.45
C GLY A 68 0.42 -10.32 9.02
N PHE A 69 1.37 -10.40 9.95
CA PHE A 69 2.70 -10.87 9.65
C PHE A 69 3.11 -12.06 10.51
N TYR A 70 3.51 -13.15 9.87
CA TYR A 70 3.93 -14.37 10.58
C TYR A 70 5.43 -14.51 10.88
N GLY A 71 6.28 -14.06 9.96
CA GLY A 71 7.70 -14.17 10.22
C GLY A 71 8.55 -13.61 9.08
N ALA A 72 9.83 -13.39 9.36
CA ALA A 72 10.77 -12.87 8.37
C ALA A 72 12.07 -13.62 8.61
N PHE A 73 12.79 -13.95 7.54
CA PHE A 73 14.05 -14.69 7.67
C PHE A 73 14.82 -14.69 6.36
N TYR A 74 16.07 -15.17 6.41
CA TYR A 74 16.91 -15.24 5.22
C TYR A 74 17.13 -16.66 4.72
N SER A 75 17.37 -16.79 3.43
CA SER A 75 17.62 -18.07 2.79
C SER A 75 17.92 -17.83 1.33
N ASP A 76 19.06 -18.33 0.86
CA ASP A 76 19.48 -18.17 -0.52
C ASP A 76 19.17 -16.80 -1.06
N GLY A 77 20.05 -15.83 -0.78
CA GLY A 77 19.86 -14.47 -1.24
C GLY A 77 18.41 -14.01 -1.26
N GLU A 78 17.56 -14.63 -0.45
CA GLU A 78 16.16 -14.27 -0.45
C GLU A 78 15.59 -13.93 0.93
N ILE A 79 15.28 -12.66 1.12
CA ILE A 79 14.69 -12.22 2.37
C ILE A 79 13.22 -12.60 2.28
N SER A 80 12.78 -13.53 3.11
CA SER A 80 11.39 -13.93 3.07
C SER A 80 10.59 -13.18 4.09
N ILE A 81 9.40 -12.74 3.71
CA ILE A 81 8.52 -12.04 4.63
C ILE A 81 7.19 -12.78 4.57
N CYS A 82 6.92 -13.59 5.58
CA CYS A 82 5.68 -14.34 5.59
C CYS A 82 4.57 -13.57 6.27
N MET A 83 3.56 -13.20 5.48
CA MET A 83 2.42 -12.45 5.99
C MET A 83 1.14 -13.24 5.76
N GLU A 84 0.02 -12.81 6.34
CA GLU A 84 -1.23 -13.56 6.17
C GLU A 84 -1.61 -13.63 4.70
N HIS A 85 -2.43 -14.63 4.37
CA HIS A 85 -2.90 -14.77 3.00
C HIS A 85 -4.15 -13.91 2.85
N MET A 86 -4.21 -13.13 1.78
CA MET A 86 -5.37 -12.27 1.53
C MET A 86 -6.06 -12.71 0.24
N ASP A 87 -6.84 -13.77 0.34
CA ASP A 87 -7.57 -14.34 -0.80
C ASP A 87 -8.18 -13.30 -1.75
N GLY A 88 -8.65 -12.19 -1.18
CA GLY A 88 -9.23 -11.14 -2.00
C GLY A 88 -8.25 -10.30 -2.79
N GLY A 89 -6.98 -10.68 -2.78
CA GLY A 89 -5.97 -9.94 -3.52
C GLY A 89 -5.82 -8.49 -3.11
N SER A 90 -5.30 -7.68 -4.05
CA SER A 90 -5.07 -6.26 -3.83
C SER A 90 -6.03 -5.35 -4.60
N LEU A 91 -6.32 -4.19 -4.01
CA LEU A 91 -7.20 -3.22 -4.61
C LEU A 91 -6.69 -2.79 -5.97
N ASP A 92 -5.68 -3.49 -6.46
CA ASP A 92 -5.08 -3.25 -7.75
C ASP A 92 -5.74 -4.31 -8.62
N GLN A 93 -5.59 -5.56 -8.18
CA GLN A 93 -6.15 -6.74 -8.85
C GLN A 93 -7.67 -6.59 -8.97
N VAL A 94 -8.31 -6.15 -7.89
CA VAL A 94 -9.74 -5.92 -7.88
C VAL A 94 -10.05 -4.96 -9.03
N LEU A 95 -9.27 -3.90 -9.12
CA LEU A 95 -9.46 -2.92 -10.19
C LEU A 95 -9.48 -3.66 -11.52
N LYS A 96 -8.30 -4.13 -11.94
CA LYS A 96 -8.16 -4.85 -13.21
C LYS A 96 -9.37 -5.70 -13.59
N LYS A 97 -10.15 -6.11 -12.59
CA LYS A 97 -11.36 -6.89 -12.85
C LYS A 97 -12.56 -6.21 -12.20
N ALA A 98 -12.83 -4.97 -12.62
CA ALA A 98 -13.97 -4.21 -12.10
C ALA A 98 -14.09 -2.83 -12.73
N GLY A 99 -13.28 -2.57 -13.76
CA GLY A 99 -13.33 -1.28 -14.44
C GLY A 99 -13.11 -0.09 -13.51
N ARG A 100 -13.99 0.06 -12.51
CA ARG A 100 -13.91 1.14 -11.52
C ARG A 100 -14.61 0.74 -10.22
N ILE A 101 -14.44 1.54 -9.17
CA ILE A 101 -15.03 1.20 -7.88
C ILE A 101 -15.99 2.28 -7.34
N PRO A 102 -17.10 1.86 -6.71
CA PRO A 102 -18.14 2.71 -6.12
C PRO A 102 -17.74 4.08 -5.58
N GLU A 103 -17.81 4.20 -4.27
CA GLU A 103 -17.48 5.43 -3.56
C GLU A 103 -18.00 5.16 -2.17
N GLN A 104 -19.21 4.60 -2.11
CA GLN A 104 -19.76 4.21 -0.83
C GLN A 104 -18.69 3.22 -0.39
N ILE A 105 -18.06 2.59 -1.39
CA ILE A 105 -17.00 1.64 -1.15
C ILE A 105 -15.66 2.36 -0.93
N LEU A 106 -15.23 3.19 -1.88
CA LEU A 106 -13.97 3.90 -1.71
C LEU A 106 -13.94 4.74 -0.44
N GLY A 107 -15.11 4.99 0.15
CA GLY A 107 -15.16 5.74 1.39
C GLY A 107 -14.77 4.79 2.51
N LYS A 108 -14.91 3.51 2.21
CA LYS A 108 -14.57 2.47 3.15
C LYS A 108 -13.09 2.10 2.97
N VAL A 109 -12.63 2.10 1.72
CA VAL A 109 -11.23 1.79 1.41
C VAL A 109 -10.38 2.97 1.87
N SER A 110 -11.04 4.09 2.11
CA SER A 110 -10.31 5.28 2.55
C SER A 110 -10.19 5.32 4.06
N ILE A 111 -11.21 4.81 4.75
CA ILE A 111 -11.21 4.77 6.22
C ILE A 111 -10.14 3.75 6.61
N ALA A 112 -10.06 2.67 5.84
CA ALA A 112 -9.06 1.63 6.08
C ALA A 112 -7.69 2.31 6.11
N VAL A 113 -7.32 2.86 4.95
CA VAL A 113 -6.06 3.52 4.78
C VAL A 113 -5.71 4.61 5.79
N ILE A 114 -6.57 5.60 5.98
CA ILE A 114 -6.23 6.66 6.93
C ILE A 114 -6.30 6.23 8.40
N LYS A 115 -6.75 5.00 8.65
CA LYS A 115 -6.82 4.51 10.03
C LYS A 115 -5.60 3.63 10.24
N GLY A 116 -5.10 3.10 9.13
CA GLY A 116 -3.93 2.25 9.14
C GLY A 116 -2.69 3.10 9.06
N LEU A 117 -2.84 4.33 8.56
CA LEU A 117 -1.70 5.23 8.46
C LEU A 117 -1.50 5.86 9.81
N THR A 118 -2.60 6.31 10.42
CA THR A 118 -2.50 6.92 11.74
C THR A 118 -1.95 5.88 12.72
N TYR A 119 -2.23 4.60 12.46
CA TYR A 119 -1.73 3.53 13.33
C TYR A 119 -0.20 3.43 13.24
N LEU A 120 0.28 3.32 11.99
CA LEU A 120 1.70 3.21 11.74
C LEU A 120 2.40 4.47 12.19
N ARG A 121 1.73 5.60 12.05
CA ARG A 121 2.37 6.86 12.42
C ARG A 121 2.32 7.13 13.92
N GLU A 122 1.29 6.63 14.58
CA GLU A 122 1.19 6.91 16.01
C GLU A 122 1.43 5.77 16.96
N LYS A 123 2.01 4.69 16.48
CA LYS A 123 2.29 3.58 17.37
C LYS A 123 3.62 2.99 17.00
N HIS A 124 4.16 3.44 15.86
CA HIS A 124 5.44 2.96 15.39
C HIS A 124 6.26 4.07 14.76
N LYS A 125 5.75 5.29 14.91
CA LYS A 125 6.42 6.48 14.40
C LYS A 125 6.90 6.34 12.97
N ILE A 126 6.32 5.42 12.22
CA ILE A 126 6.74 5.24 10.83
C ILE A 126 5.67 5.54 9.80
N MET A 127 6.09 6.14 8.70
CA MET A 127 5.17 6.48 7.62
C MET A 127 5.17 5.32 6.66
N HIS A 128 4.08 5.15 5.93
CA HIS A 128 4.03 4.04 5.01
C HIS A 128 5.16 4.13 3.99
N ARG A 129 5.14 5.20 3.20
CA ARG A 129 6.18 5.45 2.20
C ARG A 129 5.99 4.75 0.84
N ASP A 130 4.87 4.05 0.67
CA ASP A 130 4.57 3.36 -0.59
C ASP A 130 3.10 2.88 -0.66
N VAL A 131 2.19 3.72 -0.17
CA VAL A 131 0.76 3.41 -0.16
C VAL A 131 0.14 3.60 -1.52
N LYS A 132 -0.43 2.52 -2.05
CA LYS A 132 -1.05 2.52 -3.37
C LYS A 132 -1.93 1.27 -3.46
N PRO A 133 -2.66 1.09 -4.59
CA PRO A 133 -3.53 -0.09 -4.74
C PRO A 133 -2.85 -1.47 -4.66
N SER A 134 -1.76 -1.69 -5.39
CA SER A 134 -1.12 -3.00 -5.33
C SER A 134 -0.65 -3.29 -3.91
N ASN A 135 -0.51 -2.24 -3.09
CA ASN A 135 -0.10 -2.45 -1.71
C ASN A 135 -1.23 -2.35 -0.69
N ILE A 136 -2.47 -2.23 -1.15
CA ILE A 136 -3.64 -2.18 -0.26
C ILE A 136 -4.41 -3.47 -0.49
N LEU A 137 -4.39 -4.38 0.49
CA LEU A 137 -5.06 -5.66 0.36
C LEU A 137 -6.39 -5.80 1.15
N VAL A 138 -7.27 -6.63 0.60
CA VAL A 138 -8.57 -6.91 1.21
C VAL A 138 -8.86 -8.40 1.20
N ASN A 139 -9.66 -8.84 2.16
CA ASN A 139 -10.01 -10.25 2.24
C ASN A 139 -11.51 -10.48 2.02
N SER A 140 -11.88 -11.75 1.85
CA SER A 140 -13.25 -12.18 1.61
C SER A 140 -14.14 -11.86 2.80
N ARG A 141 -13.50 -11.65 3.94
CA ARG A 141 -14.23 -11.34 5.15
C ARG A 141 -14.62 -9.86 5.22
N GLY A 142 -14.27 -9.10 4.17
CA GLY A 142 -14.59 -7.69 4.11
C GLY A 142 -13.53 -6.72 4.59
N GLU A 143 -12.48 -7.26 5.22
CA GLU A 143 -11.37 -6.45 5.74
C GLU A 143 -10.50 -5.79 4.67
N ILE A 144 -9.91 -4.65 5.05
CA ILE A 144 -9.03 -3.88 4.18
C ILE A 144 -7.82 -3.57 5.02
N LYS A 145 -6.65 -3.94 4.53
CA LYS A 145 -5.43 -3.73 5.29
C LYS A 145 -4.27 -3.22 4.42
N LEU A 146 -3.28 -2.59 5.08
CA LEU A 146 -2.11 -2.05 4.38
C LEU A 146 -0.90 -2.99 4.45
N CYS A 147 -0.08 -2.98 3.42
CA CYS A 147 1.10 -3.83 3.41
C CYS A 147 2.25 -3.12 2.69
N ASP A 148 3.44 -3.70 2.79
CA ASP A 148 4.61 -3.14 2.14
C ASP A 148 5.02 -1.73 2.60
N PHE A 149 4.89 -1.45 3.88
CA PHE A 149 5.29 -0.16 4.40
C PHE A 149 6.72 -0.22 4.93
N GLY A 150 7.37 0.93 5.00
CA GLY A 150 8.74 0.97 5.50
C GLY A 150 8.84 0.76 6.99
N VAL A 151 9.32 -0.41 7.38
CA VAL A 151 9.47 -0.76 8.77
C VAL A 151 10.94 -1.01 9.03
N SER A 152 11.72 -1.14 7.97
CA SER A 152 13.15 -1.39 8.10
C SER A 152 13.98 -0.34 7.40
N GLY A 153 14.51 0.59 8.18
CA GLY A 153 15.33 1.66 7.65
C GLY A 153 16.42 1.18 6.71
N GLN A 154 17.00 0.03 7.00
CA GLN A 154 18.06 -0.48 6.15
C GLN A 154 17.44 -1.00 4.86
N LEU A 155 16.25 -1.58 4.97
CA LEU A 155 15.58 -2.07 3.77
C LEU A 155 15.19 -0.91 2.88
N ILE A 156 14.90 0.22 3.48
CA ILE A 156 14.53 1.41 2.74
C ILE A 156 15.77 2.00 2.04
N ASP A 157 16.95 1.72 2.58
CA ASP A 157 18.21 2.21 2.01
C ASP A 157 18.67 1.31 0.88
N SER A 158 18.31 0.04 0.95
CA SER A 158 18.70 -0.91 -0.06
C SER A 158 17.76 -0.82 -1.26
N MET A 159 16.64 -0.14 -1.06
CA MET A 159 15.64 0.03 -2.09
C MET A 159 15.75 1.41 -2.72
N ALA A 160 16.88 2.07 -2.54
CA ALA A 160 17.04 3.40 -3.07
C ALA A 160 16.69 3.58 -4.54
N ASN A 161 16.97 2.57 -5.37
CA ASN A 161 16.65 2.68 -6.80
C ASN A 161 15.20 2.29 -7.04
N SER A 162 14.30 3.15 -6.58
CA SER A 162 12.89 2.92 -6.67
C SER A 162 12.14 3.75 -7.72
N PHE A 163 12.81 4.68 -8.41
CA PHE A 163 12.13 5.46 -9.44
C PHE A 163 12.27 4.74 -10.78
N VAL A 164 11.56 3.63 -10.87
CA VAL A 164 11.53 2.78 -12.04
C VAL A 164 10.06 2.47 -12.26
N GLY A 165 9.78 1.58 -13.22
CA GLY A 165 8.40 1.25 -13.49
C GLY A 165 7.81 2.09 -14.59
N THR A 166 6.51 2.39 -14.49
CA THR A 166 5.84 3.16 -15.52
C THR A 166 4.88 4.16 -14.88
N ARG A 167 4.40 3.84 -13.68
CA ARG A 167 3.49 4.72 -12.94
C ARG A 167 4.32 5.36 -11.83
N SER A 168 3.67 5.98 -10.85
CA SER A 168 4.40 6.60 -9.76
C SER A 168 3.48 7.28 -8.73
N TYR A 169 3.22 6.63 -7.61
CA TYR A 169 2.34 7.24 -6.61
C TYR A 169 3.11 8.19 -5.70
N MET A 170 4.29 8.59 -6.20
CA MET A 170 5.25 9.51 -5.57
C MET A 170 4.74 10.95 -5.57
N SER A 171 4.86 11.61 -4.43
CA SER A 171 4.42 13.00 -4.33
C SER A 171 5.48 13.84 -5.02
N PRO A 172 5.12 15.06 -5.40
CA PRO A 172 6.03 15.99 -6.08
C PRO A 172 7.28 16.37 -5.30
N GLU A 173 7.13 16.74 -4.02
CA GLU A 173 8.28 17.13 -3.21
C GLU A 173 9.26 15.99 -3.05
N ARG A 174 8.75 14.78 -3.16
CA ARG A 174 9.59 13.60 -3.01
C ARG A 174 10.27 13.22 -4.33
N LEU A 175 9.78 13.76 -5.44
CA LEU A 175 10.35 13.51 -6.76
C LEU A 175 11.40 14.57 -7.08
N GLN A 176 11.32 15.69 -6.36
CA GLN A 176 12.23 16.82 -6.52
C GLN A 176 13.52 16.61 -5.75
N GLY A 177 13.39 16.11 -4.53
CA GLY A 177 14.56 15.91 -3.72
C GLY A 177 14.30 15.16 -2.44
N THR A 178 14.84 15.66 -1.34
CA THR A 178 14.68 14.98 -0.08
C THR A 178 13.79 15.69 0.94
N HIS A 179 13.11 16.74 0.51
CA HIS A 179 12.23 17.48 1.41
C HIS A 179 10.86 16.81 1.42
N TYR A 180 10.66 15.84 2.32
CA TYR A 180 9.38 15.11 2.37
C TYR A 180 9.25 14.15 3.55
N SER A 181 8.01 13.84 3.91
CA SER A 181 7.74 12.90 5.00
C SER A 181 6.27 12.44 4.98
N VAL A 182 5.73 12.11 6.15
CA VAL A 182 4.35 11.63 6.28
C VAL A 182 3.32 12.19 5.29
N GLN A 183 3.31 13.51 5.10
CA GLN A 183 2.35 14.14 4.20
C GLN A 183 2.43 13.56 2.80
N SER A 184 3.54 12.92 2.50
CA SER A 184 3.73 12.32 1.19
C SER A 184 2.80 11.13 0.97
N ASP A 185 2.49 10.41 2.06
CA ASP A 185 1.60 9.25 1.98
C ASP A 185 0.21 9.64 1.51
N ILE A 186 -0.20 10.87 1.82
CA ILE A 186 -1.51 11.37 1.43
C ILE A 186 -1.62 11.56 -0.07
N TRP A 187 -0.67 12.25 -0.66
CA TRP A 187 -0.71 12.44 -2.10
C TRP A 187 -0.81 11.05 -2.75
N SER A 188 -0.19 10.06 -2.14
CA SER A 188 -0.22 8.70 -2.67
C SER A 188 -1.64 8.13 -2.61
N MET A 189 -2.24 8.15 -1.43
CA MET A 189 -3.59 7.66 -1.23
C MET A 189 -4.55 8.43 -2.14
N GLY A 190 -4.26 9.72 -2.30
CA GLY A 190 -5.07 10.56 -3.15
C GLY A 190 -4.97 10.02 -4.57
N LEU A 191 -3.77 10.01 -5.15
CA LEU A 191 -3.62 9.52 -6.50
C LEU A 191 -4.14 8.09 -6.61
N SER A 192 -4.50 7.49 -5.49
CA SER A 192 -5.04 6.13 -5.54
C SER A 192 -6.56 6.19 -5.71
N LEU A 193 -7.22 6.78 -4.73
CA LEU A 193 -8.67 6.96 -4.78
C LEU A 193 -9.12 7.47 -6.15
N VAL A 194 -8.32 8.33 -6.76
CA VAL A 194 -8.67 8.87 -8.08
C VAL A 194 -8.51 7.80 -9.14
N GLU A 195 -7.54 6.91 -8.97
CA GLU A 195 -7.36 5.86 -9.95
C GLU A 195 -8.38 4.75 -9.76
N MET A 196 -8.89 4.61 -8.54
CA MET A 196 -9.87 3.57 -8.24
C MET A 196 -11.28 4.09 -8.49
N ALA A 197 -11.34 5.18 -9.24
CA ALA A 197 -12.61 5.79 -9.59
C ALA A 197 -12.60 6.02 -11.11
N VAL A 198 -11.44 5.81 -11.72
CA VAL A 198 -11.28 6.04 -13.16
C VAL A 198 -10.61 4.91 -13.97
N GLY A 199 -10.57 3.71 -13.40
CA GLY A 199 -9.99 2.56 -14.09
C GLY A 199 -8.68 2.71 -14.85
N ARG A 200 -7.86 3.66 -14.43
CA ARG A 200 -6.57 3.87 -15.06
C ARG A 200 -5.74 4.97 -14.38
N TYR A 201 -4.42 4.80 -14.42
CA TYR A 201 -3.47 5.74 -13.84
C TYR A 201 -3.82 7.14 -14.32
N PRO A 202 -4.50 7.91 -13.46
CA PRO A 202 -4.98 9.28 -13.63
C PRO A 202 -3.96 10.30 -14.11
N ILE A 203 -2.85 9.83 -14.68
CA ILE A 203 -1.81 10.72 -15.18
C ILE A 203 -1.22 10.25 -16.52
N PRO A 204 -1.24 11.12 -17.56
CA PRO A 204 -1.74 12.50 -17.64
C PRO A 204 -3.18 12.74 -17.21
N MET A 216 5.38 7.59 -23.26
CA MET A 216 6.07 8.40 -22.25
C MET A 216 6.80 7.53 -21.26
N ALA A 217 8.13 7.52 -21.34
CA ALA A 217 8.96 6.74 -20.43
C ALA A 217 8.98 7.44 -19.10
N ILE A 218 9.20 6.67 -18.04
CA ILE A 218 9.19 7.18 -16.67
C ILE A 218 9.96 8.47 -16.42
N PHE A 219 11.08 8.68 -17.10
CA PHE A 219 11.79 9.94 -16.85
C PHE A 219 10.88 11.11 -17.19
N GLU A 220 10.05 10.92 -18.22
CA GLU A 220 9.13 11.97 -18.66
C GLU A 220 7.85 12.01 -17.83
N LEU A 221 7.42 10.87 -17.30
CA LEU A 221 6.21 10.86 -16.46
C LEU A 221 6.52 11.64 -15.19
N LEU A 222 7.71 11.44 -14.63
CA LEU A 222 8.13 12.12 -13.40
C LEU A 222 8.13 13.64 -13.57
N ASP A 223 8.87 14.11 -14.58
CA ASP A 223 8.96 15.55 -14.84
C ASP A 223 7.58 16.17 -14.97
N TYR A 224 6.68 15.48 -15.66
CA TYR A 224 5.33 15.98 -15.83
C TYR A 224 4.61 16.15 -14.48
N ILE A 225 4.70 15.15 -13.61
CA ILE A 225 4.03 15.20 -12.32
C ILE A 225 4.37 16.42 -11.47
N VAL A 226 5.63 16.85 -11.49
CA VAL A 226 6.07 17.99 -10.69
C VAL A 226 5.79 19.33 -11.36
N ASN A 227 5.60 19.31 -12.68
CA ASN A 227 5.38 20.54 -13.40
C ASN A 227 3.91 21.00 -13.47
N GLU A 228 3.05 20.25 -14.18
CA GLU A 228 1.65 20.62 -14.28
C GLU A 228 0.87 20.20 -13.04
N PRO A 229 -0.38 20.69 -12.90
CA PRO A 229 -1.34 20.45 -11.81
C PRO A 229 -1.78 19.01 -11.62
N PRO A 230 -2.02 18.65 -10.37
CA PRO A 230 -2.45 17.35 -9.88
C PRO A 230 -3.81 16.95 -10.39
N PRO A 231 -3.99 15.66 -10.66
CA PRO A 231 -5.28 15.18 -11.17
C PRO A 231 -6.43 15.63 -10.27
N LYS A 232 -7.64 15.53 -10.84
CA LYS A 232 -8.88 15.86 -10.13
C LYS A 232 -9.87 14.69 -10.24
N LEU A 233 -10.72 14.72 -11.25
CA LEU A 233 -11.74 13.68 -11.48
C LEU A 233 -12.51 14.04 -12.75
N PRO A 234 -13.21 13.07 -13.37
CA PRO A 234 -13.97 13.41 -14.59
C PRO A 234 -15.32 14.08 -14.22
N VAL A 237 -20.29 13.86 -12.79
CA VAL A 237 -19.68 12.55 -13.04
C VAL A 237 -19.25 11.89 -11.71
N PHE A 238 -18.79 12.68 -10.76
CA PHE A 238 -18.39 12.17 -9.44
C PHE A 238 -19.00 13.00 -8.32
N SER A 239 -19.28 12.33 -7.20
CA SER A 239 -19.91 12.97 -6.04
C SER A 239 -19.35 14.25 -5.48
N LEU A 240 -19.78 14.53 -4.25
CA LEU A 240 -19.41 15.72 -3.50
C LEU A 240 -17.96 15.73 -2.95
N GLU A 241 -17.82 15.42 -1.66
CA GLU A 241 -16.52 15.41 -0.99
C GLU A 241 -15.44 14.67 -1.80
N PHE A 242 -15.84 13.63 -2.51
CA PHE A 242 -14.89 12.87 -3.31
C PHE A 242 -14.14 13.77 -4.31
N GLN A 243 -14.29 15.08 -4.13
CA GLN A 243 -13.63 16.07 -4.96
C GLN A 243 -12.90 16.97 -3.97
N ASP A 244 -13.59 17.29 -2.88
CA ASP A 244 -13.02 18.12 -1.83
C ASP A 244 -12.29 17.24 -0.82
N PHE A 245 -11.84 16.11 -1.31
CA PHE A 245 -11.09 15.15 -0.52
C PHE A 245 -10.04 14.66 -1.50
N VAL A 246 -10.45 14.01 -2.58
CA VAL A 246 -9.47 13.57 -3.55
C VAL A 246 -8.49 14.71 -3.83
N ASN A 247 -8.98 15.95 -3.76
CA ASN A 247 -8.11 17.10 -4.02
C ASN A 247 -7.44 17.73 -2.79
N LYS A 248 -8.05 17.57 -1.63
CA LYS A 248 -7.40 18.08 -0.42
C LYS A 248 -6.27 17.08 -0.18
N CYS A 249 -6.17 16.12 -1.10
CA CYS A 249 -5.15 15.08 -1.05
C CYS A 249 -4.13 15.33 -2.15
N LEU A 250 -4.55 15.96 -3.23
CA LEU A 250 -3.64 16.20 -4.35
C LEU A 250 -2.96 17.57 -4.41
N ILE A 251 -3.13 18.37 -3.36
CA ILE A 251 -2.45 19.66 -3.29
C ILE A 251 -0.95 19.37 -3.45
N LYS A 252 -0.29 20.01 -4.40
CA LYS A 252 1.13 19.77 -4.63
C LYS A 252 2.07 20.34 -3.58
N ASN A 253 1.56 21.23 -2.74
CA ASN A 253 2.35 21.80 -1.65
C ASN A 253 2.01 20.87 -0.49
N PRO A 254 3.03 20.17 0.04
CA PRO A 254 2.85 19.24 1.16
C PRO A 254 2.25 19.83 2.43
N ALA A 255 2.60 21.07 2.76
CA ALA A 255 2.09 21.68 3.98
C ALA A 255 0.66 22.18 3.83
N GLU A 256 0.22 22.39 2.59
CA GLU A 256 -1.14 22.85 2.35
C GLU A 256 -2.08 21.69 2.13
N ARG A 257 -1.53 20.53 1.81
CA ARG A 257 -2.31 19.32 1.61
C ARG A 257 -2.93 19.05 3.00
N ALA A 258 -3.91 18.16 3.09
CA ALA A 258 -4.52 17.86 4.38
C ALA A 258 -3.74 16.77 5.09
N ASP A 259 -3.59 16.89 6.41
CA ASP A 259 -2.88 15.87 7.14
C ASP A 259 -3.91 14.86 7.64
N LEU A 260 -3.47 13.65 7.97
CA LEU A 260 -4.40 12.63 8.44
C LEU A 260 -5.43 13.17 9.44
N LYS A 261 -4.94 13.83 10.48
CA LYS A 261 -5.80 14.38 11.52
C LYS A 261 -7.04 14.98 10.91
N GLN A 262 -6.83 15.89 9.96
CA GLN A 262 -7.91 16.55 9.25
C GLN A 262 -8.86 15.56 8.57
N LEU A 263 -8.43 14.95 7.48
CA LEU A 263 -9.30 14.03 6.76
C LEU A 263 -10.09 13.04 7.66
N MET A 264 -9.54 12.69 8.83
CA MET A 264 -10.21 11.76 9.75
C MET A 264 -11.46 12.39 10.34
N VAL A 265 -11.82 13.56 9.82
CA VAL A 265 -13.02 14.28 10.26
C VAL A 265 -13.63 14.98 9.06
N HIS A 266 -12.95 14.91 7.91
CA HIS A 266 -13.44 15.54 6.70
C HIS A 266 -14.84 15.04 6.41
N ALA A 267 -15.56 15.77 5.56
CA ALA A 267 -16.94 15.45 5.17
C ALA A 267 -17.19 14.10 4.47
N PHE A 268 -16.31 13.74 3.54
CA PHE A 268 -16.45 12.47 2.82
C PHE A 268 -16.35 11.34 3.83
N ILE A 269 -15.45 11.48 4.79
CA ILE A 269 -15.26 10.48 5.83
C ILE A 269 -16.44 10.58 6.80
N LYS A 270 -16.91 11.81 7.03
CA LYS A 270 -18.05 12.04 7.91
C LYS A 270 -19.17 11.06 7.52
N ARG A 271 -19.63 11.17 6.28
CA ARG A 271 -20.66 10.26 5.80
C ARG A 271 -19.97 9.02 5.26
N SER A 272 -19.73 8.06 6.13
CA SER A 272 -19.12 6.81 5.69
C SER A 272 -19.01 5.81 6.81
N ASP A 273 -18.18 6.08 7.82
CA ASP A 273 -18.13 5.11 8.92
C ASP A 273 -19.49 5.25 9.60
N ALA A 274 -20.20 6.29 9.20
CA ALA A 274 -21.55 6.58 9.69
C ALA A 274 -22.57 5.71 8.95
N GLU A 275 -22.41 5.64 7.63
CA GLU A 275 -23.27 4.85 6.76
C GLU A 275 -22.92 3.36 6.97
N GLU A 276 -23.59 2.46 6.25
CA GLU A 276 -23.25 1.05 6.43
C GLU A 276 -23.19 0.22 5.14
N VAL A 277 -22.13 0.44 4.36
CA VAL A 277 -21.92 -0.30 3.11
C VAL A 277 -21.38 -1.68 3.46
N ASP A 278 -21.67 -2.68 2.64
CA ASP A 278 -21.21 -4.04 2.95
C ASP A 278 -19.74 -4.29 2.62
N PHE A 279 -19.37 -3.95 1.38
CA PHE A 279 -18.02 -4.16 0.88
C PHE A 279 -17.75 -5.64 0.64
N ALA A 280 -17.91 -6.46 1.69
CA ALA A 280 -17.69 -7.89 1.60
C ALA A 280 -18.35 -8.46 0.33
N GLY A 281 -19.68 -8.41 0.31
CA GLY A 281 -20.44 -8.90 -0.82
C GLY A 281 -20.03 -8.27 -2.14
N TRP A 282 -19.75 -6.96 -2.14
CA TRP A 282 -19.34 -6.34 -3.39
C TRP A 282 -18.12 -7.09 -3.92
N LEU A 283 -17.09 -7.20 -3.07
CA LEU A 283 -15.86 -7.88 -3.44
C LEU A 283 -16.16 -9.34 -3.83
N CYS A 284 -16.80 -10.06 -2.91
CA CYS A 284 -17.15 -11.46 -3.10
C CYS A 284 -17.80 -11.74 -4.46
N SER A 285 -18.51 -10.76 -5.00
CA SER A 285 -19.17 -10.98 -6.28
C SER A 285 -18.62 -10.19 -7.46
N THR A 286 -17.66 -9.30 -7.19
CA THR A 286 -17.02 -8.50 -8.25
C THR A 286 -15.87 -9.34 -8.80
PG ATP B . 6.03 -3.25 -6.70
O1G ATP B . 6.39 -2.19 -7.68
O2G ATP B . 7.16 -4.32 -6.55
O3G ATP B . 5.71 -2.59 -5.34
PB ATP B . 3.66 -4.72 -6.26
O1B ATP B . 2.53 -5.05 -7.15
O2B ATP B . 3.25 -4.03 -4.98
O3B ATP B . 4.65 -3.91 -7.15
PA ATP B . 4.58 -6.91 -4.64
O1A ATP B . 5.84 -7.68 -4.79
O2A ATP B . 4.59 -5.96 -3.46
O3A ATP B . 4.34 -6.12 -6.00
O5' ATP B . 3.33 -7.90 -4.59
C5' ATP B . 3.23 -8.96 -5.51
C4' ATP B . 1.79 -9.47 -5.63
O4' ATP B . 1.36 -10.15 -4.46
C3' ATP B . 0.77 -8.37 -5.91
O3' ATP B . -0.02 -8.80 -7.03
C2' ATP B . 0.00 -8.23 -4.60
O2' ATP B . -1.32 -7.80 -4.65
C1' ATP B . 0.11 -9.60 -4.01
N9 ATP B . 0.18 -9.78 -2.52
C8 ATP B . 1.09 -9.16 -1.70
N7 ATP B . 0.83 -9.54 -0.46
C5 ATP B . -0.24 -10.40 -0.40
C6 ATP B . -0.97 -11.10 0.59
N6 ATP B . -0.76 -11.08 1.90
N1 ATP B . -2.05 -11.91 0.21
C2 ATP B . -2.42 -12.03 -1.11
N3 ATP B . -1.73 -11.35 -2.08
C4 ATP B . -0.66 -10.54 -1.74
C4 3OS C . 8.82 -3.49 1.51
C5 3OS C . 9.66 -2.36 1.21
C6 3OS C . 10.33 -1.68 2.26
C7 3OS C . 10.18 -2.12 3.58
C13 3OS C . 4.62 -5.91 5.81
C15 3OS C . 2.64 -6.43 7.42
C17 3OS C . 6.07 -6.53 3.98
C22 3OS C . 10.97 1.31 -0.72
C1 3OS C . 8.67 -3.95 2.86
N2 3OS C . 7.85 -5.09 3.14
C3 3OS C . 6.78 -5.30 4.06
F8 3OS C . 10.80 -1.50 4.57
C9 3OS C . 9.37 -3.23 3.87
F10 3OS C . 9.27 -3.61 5.14
C11 3OS C . 6.35 -4.38 5.05
C12 3OS C . 5.28 -4.68 5.92
C14 3OS C . 3.54 -6.20 6.68
C16 3OS C . 5.01 -6.85 4.84
F18 3OS C . 6.43 -7.43 3.06
C19 3OS C . 11.20 -0.52 1.98
N20 3OS C . 10.78 0.60 1.48
O21 3OS C . 11.71 1.02 0.49
C23 3OS C . 10.18 2.60 -0.54
O24 3OS C . 11.01 3.69 -0.92
C25 3OS C . 8.16 -4.18 0.38
O26 3OS C . 7.78 -5.33 0.56
N27 3OS C . 8.00 -3.51 -0.83
O28 3OS C . 7.63 -4.28 -1.98
C29 3OS C . 8.79 -4.40 -2.79
C30 3OS C . 9.27 -5.82 -2.68
O31 3OS C . 8.90 -6.49 -3.86
MG MG D . 3.08 -4.85 -2.78
#